data_1SS4
#
_entry.id   1SS4
#
_cell.length_a   60.240
_cell.length_b   66.093
_cell.length_c   102.212
_cell.angle_alpha   90.00
_cell.angle_beta   90.00
_cell.angle_gamma   90.00
#
_symmetry.space_group_name_H-M   'P 2 2 21'
#
loop_
_entity.id
_entity.type
_entity.pdbx_description
1 polymer 'Glyoxalase family protein'
2 non-polymer 'ACETATE ION'
3 non-polymer 'SODIUM ION'
4 non-polymer 'CITRIC ACID'
5 non-polymer 'FORMIC ACID'
6 non-polymer 'MAGNESIUM ION'
7 non-polymer GLUTATHIONE
8 water water
#
_entity_poly.entity_id   1
_entity_poly.type   'polypeptide(L)'
_entity_poly.pdbx_seq_one_letter_code
;SNA(MSE)AKNKLLR(MSE)DNVSIVVESLDNAISFFEEIGLNLEGRANVEGEWAGRVTGLGSQCVEIA(MSE)(MSE)V
TPDGHSRIELSRFLTPPTIADHRTAPVNALGYLRV(MSE)FTVEDIDE(MSE)VSRLTKHGAELVGEVVQYENSYRLCYI
RGVEGILIGLAEELGNK
;
_entity_poly.pdbx_strand_id   A,B
#
loop_
_chem_comp.id
_chem_comp.type
_chem_comp.name
_chem_comp.formula
ACT non-polymer 'ACETATE ION' 'C2 H3 O2 -1'
CIT non-polymer 'CITRIC ACID' 'C6 H8 O7'
FMT non-polymer 'FORMIC ACID' 'C H2 O2'
GSH non-polymer GLUTATHIONE 'C10 H17 N3 O6 S'
MG non-polymer 'MAGNESIUM ION' 'Mg 2'
NA non-polymer 'SODIUM ION' 'Na 1'
#
# COMPACT_ATOMS: atom_id res chain seq x y z
N ALA A 3 1.29 2.58 -22.88
CA ALA A 3 0.67 3.80 -23.46
C ALA A 3 -0.84 3.64 -23.59
N MSE A 4 -1.59 4.56 -23.01
CA MSE A 4 -3.04 4.52 -23.06
C MSE A 4 -3.58 5.60 -23.98
O MSE A 4 -3.31 6.79 -23.79
CB MSE A 4 -3.61 4.70 -21.66
CG MSE A 4 -2.95 3.79 -20.65
SE MSE A 4 -3.93 3.78 -19.01
CE MSE A 4 -2.99 5.24 -18.10
N ALA A 5 -4.33 5.18 -24.99
CA ALA A 5 -4.88 6.11 -25.96
C ALA A 5 -5.59 7.31 -25.34
N LYS A 6 -6.54 7.06 -24.44
CA LYS A 6 -7.30 8.15 -23.83
C LYS A 6 -7.03 8.43 -22.34
N ASN A 7 -5.79 8.30 -21.92
CA ASN A 7 -5.47 8.58 -20.53
C ASN A 7 -3.98 8.58 -20.23
N LYS A 8 -3.64 8.90 -18.99
CA LYS A 8 -2.25 8.95 -18.58
C LYS A 8 -2.18 8.73 -17.06
N LEU A 9 -1.23 7.91 -16.62
CA LEU A 9 -1.08 7.66 -15.19
C LEU A 9 0.01 8.61 -14.73
N LEU A 10 -0.37 9.65 -14.00
CA LEU A 10 0.58 10.67 -13.55
C LEU A 10 1.46 10.19 -12.39
N ARG A 11 0.87 9.42 -11.48
CA ARG A 11 1.66 8.85 -10.38
C ARG A 11 0.82 8.08 -9.39
N MSE A 12 1.50 7.38 -8.49
CA MSE A 12 0.77 6.67 -7.44
C MSE A 12 0.92 7.68 -6.29
O MSE A 12 2.00 7.82 -5.74
CB MSE A 12 1.46 5.36 -7.09
CG MSE A 12 0.74 4.64 -5.98
SE MSE A 12 1.53 2.90 -5.69
CE MSE A 12 2.91 3.46 -4.44
N ASP A 13 -0.15 8.39 -5.99
CA ASP A 13 -0.13 9.42 -4.95
C ASP A 13 0.24 8.95 -3.55
N ASN A 14 -0.34 7.84 -3.12
CA ASN A 14 -0.08 7.36 -1.77
C ASN A 14 -0.75 6.01 -1.53
N VAL A 15 -0.35 5.38 -0.44
CA VAL A 15 -0.98 4.15 0.00
C VAL A 15 -1.51 4.61 1.34
N SER A 16 -2.74 4.22 1.69
CA SER A 16 -3.29 4.66 2.96
C SER A 16 -3.48 3.51 3.90
N ILE A 17 -3.37 3.82 5.19
CA ILE A 17 -3.52 2.83 6.26
C ILE A 17 -4.51 3.40 7.28
N VAL A 18 -5.47 2.59 7.70
CA VAL A 18 -6.46 2.98 8.70
C VAL A 18 -5.86 2.52 10.02
N VAL A 19 -5.69 3.45 10.96
CA VAL A 19 -5.07 3.11 12.23
C VAL A 19 -5.95 3.45 13.43
N GLU A 20 -5.57 2.89 14.57
CA GLU A 20 -6.27 3.09 15.84
C GLU A 20 -5.88 4.44 16.45
N SER A 21 -4.58 4.74 16.44
CA SER A 21 -4.05 5.99 16.99
C SER A 21 -3.25 6.75 15.94
N LEU A 22 -3.75 7.91 15.52
CA LEU A 22 -3.03 8.70 14.53
C LEU A 22 -1.72 9.20 15.16
N ASP A 23 -1.77 9.66 16.41
CA ASP A 23 -0.54 10.11 17.06
C ASP A 23 0.57 9.05 17.03
N ASN A 24 0.23 7.81 17.40
CA ASN A 24 1.25 6.76 17.41
C ASN A 24 1.75 6.37 16.02
N ALA A 25 0.85 6.32 15.05
CA ALA A 25 1.24 5.96 13.68
C ALA A 25 2.14 7.06 13.09
N ILE A 26 1.77 8.31 13.29
CA ILE A 26 2.61 9.42 12.80
C ILE A 26 4.00 9.27 13.43
N SER A 27 4.04 9.06 14.74
CA SER A 27 5.33 8.92 15.42
C SER A 27 6.18 7.81 14.81
N PHE A 28 5.57 6.66 14.54
CA PHE A 28 6.27 5.53 13.97
C PHE A 28 6.85 5.82 12.58
N PHE A 29 6.05 6.37 11.67
CA PHE A 29 6.56 6.64 10.34
C PHE A 29 7.61 7.75 10.35
N GLU A 30 7.55 8.62 11.36
CA GLU A 30 8.56 9.68 11.46
C GLU A 30 9.90 9.02 11.75
N GLU A 31 9.87 7.99 12.59
CA GLU A 31 11.08 7.23 12.96
C GLU A 31 11.65 6.50 11.75
N ILE A 32 10.77 6.04 10.86
CA ILE A 32 11.19 5.36 9.65
C ILE A 32 11.89 6.39 8.75
N GLY A 33 11.46 7.64 8.85
CA GLY A 33 12.08 8.67 8.04
C GLY A 33 11.15 9.51 7.20
N LEU A 34 9.84 9.28 7.29
CA LEU A 34 8.91 10.09 6.53
C LEU A 34 8.58 11.36 7.32
N ASN A 35 8.16 12.39 6.60
CA ASN A 35 7.80 13.66 7.23
C ASN A 35 6.29 13.89 7.12
N LEU A 36 5.73 14.55 8.13
CA LEU A 36 4.31 14.84 8.18
C LEU A 36 4.02 16.11 7.40
N GLU A 37 3.23 16.01 6.33
CA GLU A 37 2.88 17.17 5.49
C GLU A 37 1.70 17.92 6.08
N GLY A 38 0.73 17.16 6.58
CA GLY A 38 -0.43 17.80 7.14
C GLY A 38 -1.24 16.83 7.96
N ARG A 39 -2.17 17.39 8.71
CA ARG A 39 -3.02 16.61 9.58
C ARG A 39 -4.32 17.37 9.73
N ALA A 40 -5.44 16.69 9.60
CA ALA A 40 -6.71 17.37 9.71
C ALA A 40 -7.90 16.45 9.94
N ASN A 41 -8.95 17.01 10.51
CA ASN A 41 -10.17 16.28 10.74
C ASN A 41 -10.97 16.53 9.48
N VAL A 42 -11.57 15.48 8.92
CA VAL A 42 -12.36 15.66 7.71
C VAL A 42 -13.77 15.18 8.02
N GLU A 43 -14.74 16.09 8.00
CA GLU A 43 -16.10 15.68 8.27
C GLU A 43 -17.08 16.16 7.21
N GLY A 44 -16.55 16.83 6.20
CA GLY A 44 -17.40 17.30 5.11
C GLY A 44 -18.04 16.08 4.49
N GLU A 45 -19.28 16.21 4.04
CA GLU A 45 -19.99 15.07 3.47
C GLU A 45 -19.35 14.49 2.21
N TRP A 46 -18.51 15.26 1.53
CA TRP A 46 -17.87 14.74 0.33
C TRP A 46 -17.10 13.45 0.60
N ALA A 47 -16.36 13.41 1.72
CA ALA A 47 -15.58 12.23 2.08
C ALA A 47 -16.43 10.98 2.20
N GLY A 48 -17.58 11.12 2.84
CA GLY A 48 -18.48 9.99 2.99
C GLY A 48 -19.01 9.52 1.65
N ARG A 49 -19.13 10.42 0.68
CA ARG A 49 -19.61 10.01 -0.65
C ARG A 49 -18.53 9.19 -1.37
N VAL A 50 -17.26 9.46 -1.08
CA VAL A 50 -16.17 8.72 -1.71
C VAL A 50 -16.13 7.29 -1.17
N THR A 51 -16.12 7.18 0.15
CA THR A 51 -16.01 5.90 0.84
C THR A 51 -17.28 5.08 0.82
N GLY A 52 -18.42 5.75 0.60
CA GLY A 52 -19.68 5.06 0.62
C GLY A 52 -20.20 4.86 2.04
N LEU A 53 -19.48 5.40 3.04
CA LEU A 53 -19.94 5.23 4.42
C LEU A 53 -21.01 6.24 4.81
N GLY A 54 -21.07 7.34 4.07
CA GLY A 54 -22.09 8.34 4.34
C GLY A 54 -21.75 9.31 5.44
N SER A 55 -22.33 9.10 6.60
CA SER A 55 -22.05 9.99 7.72
C SER A 55 -20.73 9.58 8.36
N GLN A 56 -19.64 10.23 7.96
CA GLN A 56 -18.34 9.88 8.54
C GLN A 56 -17.54 11.09 8.98
N CYS A 57 -16.66 10.82 9.94
CA CYS A 57 -15.76 11.81 10.51
C CYS A 57 -14.45 11.04 10.67
N VAL A 58 -13.43 11.47 9.93
CA VAL A 58 -12.14 10.80 10.00
C VAL A 58 -11.03 11.82 10.16
N GLU A 59 -9.99 11.46 10.90
CA GLU A 59 -8.86 12.35 11.05
C GLU A 59 -7.79 11.76 10.12
N ILE A 60 -7.19 12.63 9.31
CA ILE A 60 -6.20 12.22 8.33
C ILE A 60 -4.84 12.88 8.53
N ALA A 61 -3.78 12.14 8.21
CA ALA A 61 -2.42 12.65 8.32
C ALA A 61 -1.67 12.17 7.08
N MSE A 62 -1.00 13.09 6.39
CA MSE A 62 -0.27 12.71 5.20
C MSE A 62 1.23 12.75 5.45
O MSE A 62 1.78 13.77 5.86
CB MSE A 62 -0.62 13.65 4.05
CG MSE A 62 -0.08 13.23 2.69
SE MSE A 62 -0.88 11.58 1.99
CE MSE A 62 -2.62 12.28 1.37
N MSE A 63 1.89 11.60 5.22
CA MSE A 63 3.34 11.46 5.40
C MSE A 63 3.98 11.44 4.02
O MSE A 63 3.46 10.81 3.09
CB MSE A 63 3.68 10.12 6.06
CG MSE A 63 2.90 9.74 7.30
SE MSE A 63 3.21 10.99 8.75
CE MSE A 63 5.04 10.58 9.19
N VAL A 64 5.14 12.08 3.88
CA VAL A 64 5.84 12.10 2.61
C VAL A 64 7.29 11.67 2.80
N THR A 65 7.86 11.01 1.79
CA THR A 65 9.25 10.58 1.90
C THR A 65 10.15 11.79 1.59
N PRO A 66 11.39 11.76 2.08
CA PRO A 66 12.34 12.86 1.83
C PRO A 66 12.53 13.11 0.34
N ASP A 67 12.56 12.05 -0.47
CA ASP A 67 12.75 12.24 -1.91
C ASP A 67 11.51 12.91 -2.53
N GLY A 68 10.46 13.06 -1.74
CA GLY A 68 9.25 13.71 -2.24
C GLY A 68 8.38 12.93 -3.22
N HIS A 69 8.74 11.67 -3.49
CA HIS A 69 7.98 10.88 -4.46
C HIS A 69 6.89 10.00 -3.91
N SER A 70 6.99 9.64 -2.64
CA SER A 70 6.04 8.71 -2.06
C SER A 70 5.35 9.21 -0.83
N ARG A 71 4.12 8.75 -0.64
CA ARG A 71 3.36 9.19 0.51
C ARG A 71 2.56 8.07 1.15
N ILE A 72 2.37 8.20 2.47
CA ILE A 72 1.57 7.27 3.24
C ILE A 72 0.49 8.11 3.91
N GLU A 73 -0.76 7.79 3.62
CA GLU A 73 -1.87 8.51 4.21
C GLU A 73 -2.36 7.69 5.40
N LEU A 74 -2.41 8.32 6.56
CA LEU A 74 -2.88 7.65 7.77
C LEU A 74 -4.27 8.19 8.08
N SER A 75 -5.21 7.28 8.33
CA SER A 75 -6.59 7.64 8.64
C SER A 75 -7.06 7.00 9.95
N ARG A 76 -7.85 7.75 10.70
CA ARG A 76 -8.44 7.28 11.95
C ARG A 76 -9.93 7.64 11.90
N PHE A 77 -10.78 6.62 12.00
CA PHE A 77 -12.22 6.82 11.97
C PHE A 77 -12.78 7.25 13.34
N LEU A 78 -13.55 8.34 13.37
CA LEU A 78 -14.20 8.76 14.62
C LEU A 78 -15.58 8.10 14.47
N THR A 79 -16.19 8.30 13.31
CA THR A 79 -17.47 7.68 12.97
C THR A 79 -17.48 7.39 11.47
N PRO A 80 -18.04 6.24 11.07
CA PRO A 80 -18.64 5.22 11.94
C PRO A 80 -17.45 4.50 12.55
N PRO A 81 -17.66 3.70 13.61
CA PRO A 81 -16.44 3.04 14.12
C PRO A 81 -15.91 1.97 13.16
N THR A 82 -14.67 1.55 13.34
CA THR A 82 -14.16 0.50 12.47
C THR A 82 -14.88 -0.79 12.92
N ILE A 83 -14.97 -1.76 12.02
CA ILE A 83 -15.68 -3.00 12.28
C ILE A 83 -14.90 -4.24 11.82
N ALA A 84 -13.65 -4.07 11.39
CA ALA A 84 -12.83 -5.20 10.99
C ALA A 84 -11.38 -4.78 11.22
N ASP A 85 -10.47 -5.74 11.24
CA ASP A 85 -9.06 -5.40 11.49
C ASP A 85 -8.17 -6.41 10.75
N HIS A 86 -7.30 -5.96 9.86
CA HIS A 86 -6.35 -6.88 9.23
C HIS A 86 -4.94 -6.35 9.49
N ARG A 87 -4.79 -5.50 10.49
CA ARG A 87 -3.47 -4.96 10.82
C ARG A 87 -2.46 -6.06 11.12
N THR A 88 -2.91 -7.13 11.79
CA THR A 88 -2.00 -8.22 12.11
C THR A 88 -2.27 -9.48 11.29
N ALA A 89 -2.73 -9.31 10.05
CA ALA A 89 -3.01 -10.45 9.19
C ALA A 89 -1.73 -11.24 8.97
N PRO A 90 -1.84 -12.55 8.75
CA PRO A 90 -0.61 -13.30 8.52
C PRO A 90 0.05 -12.89 7.21
N VAL A 91 1.34 -13.16 7.09
CA VAL A 91 2.05 -12.81 5.86
C VAL A 91 1.39 -13.55 4.69
N ASN A 92 1.06 -14.82 4.89
CA ASN A 92 0.43 -15.59 3.81
C ASN A 92 -1.10 -15.43 3.83
N ALA A 93 -1.54 -14.22 3.49
CA ALA A 93 -2.95 -13.88 3.41
C ALA A 93 -3.16 -13.05 2.16
N LEU A 94 -4.34 -13.14 1.59
CA LEU A 94 -4.66 -12.39 0.38
C LEU A 94 -4.97 -10.93 0.72
N GLY A 95 -4.49 -10.02 -0.14
CA GLY A 95 -4.73 -8.59 0.06
C GLY A 95 -3.44 -7.81 0.30
N TYR A 96 -3.56 -6.51 0.56
CA TYR A 96 -2.40 -5.66 0.80
C TYR A 96 -1.54 -6.30 1.86
N LEU A 97 -0.23 -6.36 1.60
CA LEU A 97 0.68 -7.01 2.55
C LEU A 97 1.60 -6.07 3.31
N ARG A 98 2.44 -5.36 2.58
CA ARG A 98 3.34 -4.45 3.26
C ARG A 98 3.96 -3.46 2.31
N VAL A 99 4.39 -2.34 2.86
CA VAL A 99 5.13 -1.36 2.07
C VAL A 99 6.59 -1.66 2.46
N MSE A 100 7.48 -1.58 1.47
CA MSE A 100 8.92 -1.84 1.65
C MSE A 100 9.70 -0.53 1.55
O MSE A 100 9.53 0.24 0.61
CB MSE A 100 9.39 -2.81 0.56
CG MSE A 100 10.91 -2.94 0.38
SE MSE A 100 11.71 -3.90 1.83
CE MSE A 100 11.11 -5.69 1.46
N PHE A 101 10.56 -0.26 2.53
CA PHE A 101 11.38 0.96 2.55
C PHE A 101 12.86 0.60 2.45
N THR A 102 13.63 1.38 1.68
CA THR A 102 15.07 1.13 1.63
C THR A 102 15.65 2.20 2.55
N VAL A 103 16.48 1.78 3.50
CA VAL A 103 17.08 2.71 4.45
C VAL A 103 18.60 2.65 4.37
N GLU A 104 19.26 3.63 4.96
CA GLU A 104 20.71 3.67 4.93
C GLU A 104 21.35 2.53 5.71
N ASP A 105 20.96 2.38 6.97
CA ASP A 105 21.49 1.32 7.80
C ASP A 105 20.36 0.55 8.46
N ILE A 106 20.13 -0.66 7.99
CA ILE A 106 19.04 -1.47 8.51
C ILE A 106 19.23 -1.91 9.96
N ASP A 107 20.46 -2.16 10.37
CA ASP A 107 20.67 -2.56 11.76
C ASP A 107 20.28 -1.44 12.73
N GLU A 108 20.69 -0.21 12.46
CA GLU A 108 20.33 0.89 13.34
C GLU A 108 18.80 1.04 13.35
N MSE A 109 18.18 0.96 12.17
CA MSE A 109 16.73 1.09 12.07
C MSE A 109 16.01 -0.02 12.83
O MSE A 109 15.02 0.23 13.51
CB MSE A 109 16.29 1.10 10.60
CG MSE A 109 14.81 1.39 10.41
SE MSE A 109 14.26 3.11 11.12
CE MSE A 109 14.83 4.21 9.65
N VAL A 110 16.49 -1.25 12.70
CA VAL A 110 15.86 -2.37 13.39
C VAL A 110 16.06 -2.20 14.89
N SER A 111 17.28 -1.83 15.29
CA SER A 111 17.55 -1.64 16.70
C SER A 111 16.62 -0.57 17.26
N ARG A 112 16.59 0.60 16.64
CA ARG A 112 15.75 1.70 17.08
C ARG A 112 14.26 1.39 17.13
N LEU A 113 13.71 0.87 16.04
CA LEU A 113 12.29 0.54 15.98
C LEU A 113 11.88 -0.49 17.02
N THR A 114 12.68 -1.53 17.19
CA THR A 114 12.34 -2.56 18.17
C THR A 114 12.45 -1.95 19.58
N LYS A 115 13.32 -0.96 19.73
CA LYS A 115 13.47 -0.29 21.02
C LYS A 115 12.16 0.39 21.38
N HIS A 116 11.44 0.83 20.35
CA HIS A 116 10.17 1.52 20.55
C HIS A 116 8.97 0.58 20.50
N GLY A 117 9.21 -0.73 20.59
CA GLY A 117 8.10 -1.67 20.59
C GLY A 117 7.80 -2.45 19.33
N ALA A 118 8.58 -2.23 18.28
CA ALA A 118 8.36 -2.96 17.03
C ALA A 118 8.97 -4.34 17.17
N GLU A 119 8.52 -5.30 16.37
CA GLU A 119 9.05 -6.65 16.46
C GLU A 119 9.50 -7.24 15.12
N LEU A 120 10.72 -7.76 15.11
CA LEU A 120 11.29 -8.38 13.92
C LEU A 120 10.49 -9.66 13.60
N VAL A 121 10.00 -9.78 12.38
CA VAL A 121 9.19 -10.95 12.04
C VAL A 121 10.02 -12.21 11.87
N GLY A 122 11.14 -12.07 11.17
CA GLY A 122 12.03 -13.19 10.95
C GLY A 122 13.43 -12.75 11.29
N GLU A 123 14.35 -12.89 10.33
CA GLU A 123 15.72 -12.47 10.55
C GLU A 123 16.07 -11.39 9.54
N VAL A 124 17.14 -10.65 9.83
CA VAL A 124 17.62 -9.65 8.90
C VAL A 124 18.47 -10.52 7.98
N VAL A 125 17.98 -10.74 6.77
CA VAL A 125 18.65 -11.62 5.82
C VAL A 125 19.41 -10.89 4.72
N GLN A 126 20.50 -11.50 4.28
CA GLN A 126 21.28 -10.93 3.20
C GLN A 126 20.99 -11.67 1.91
N TYR A 127 20.54 -10.93 0.90
CA TYR A 127 20.22 -11.52 -0.38
C TYR A 127 21.42 -11.36 -1.32
N GLU A 128 22.18 -12.44 -1.48
CA GLU A 128 23.36 -12.41 -2.33
C GLU A 128 24.29 -11.29 -1.90
N ASN A 129 24.70 -10.44 -2.83
CA ASN A 129 25.59 -9.33 -2.51
C ASN A 129 24.95 -7.97 -2.82
N SER A 130 23.63 -7.94 -2.85
CA SER A 130 22.95 -6.69 -3.18
C SER A 130 22.07 -6.09 -2.08
N TYR A 131 21.42 -6.95 -1.29
CA TYR A 131 20.52 -6.48 -0.24
C TYR A 131 20.61 -7.21 1.08
N ARG A 132 20.09 -6.54 2.09
CA ARG A 132 19.96 -7.09 3.43
C ARG A 132 18.55 -6.59 3.73
N LEU A 133 17.67 -7.47 4.21
CA LEU A 133 16.31 -7.03 4.47
C LEU A 133 15.59 -7.84 5.55
N CYS A 134 14.49 -7.30 6.03
CA CYS A 134 13.68 -7.95 7.05
C CYS A 134 12.25 -7.42 7.01
N TYR A 135 11.39 -8.08 7.76
CA TYR A 135 9.99 -7.69 7.92
C TYR A 135 9.87 -7.33 9.39
N ILE A 136 9.16 -6.26 9.66
CA ILE A 136 8.96 -5.78 11.01
C ILE A 136 7.50 -5.50 11.23
N ARG A 137 7.00 -5.81 12.43
CA ARG A 137 5.63 -5.50 12.81
C ARG A 137 5.84 -4.18 13.55
N GLY A 138 5.37 -3.08 12.96
CA GLY A 138 5.55 -1.79 13.57
C GLY A 138 4.38 -1.32 14.40
N VAL A 139 4.05 -0.04 14.29
CA VAL A 139 2.93 0.52 15.04
C VAL A 139 1.67 -0.32 14.85
N GLU A 140 1.07 -0.69 15.98
CA GLU A 140 -0.15 -1.50 15.98
C GLU A 140 -0.02 -2.80 15.17
N GLY A 141 1.18 -3.37 15.18
CA GLY A 141 1.44 -4.62 14.47
C GLY A 141 1.47 -4.57 12.95
N ILE A 142 1.35 -3.38 12.38
CA ILE A 142 1.35 -3.22 10.92
C ILE A 142 2.65 -3.69 10.27
N LEU A 143 2.52 -4.54 9.27
CA LEU A 143 3.66 -5.11 8.56
C LEU A 143 4.37 -4.13 7.63
N ILE A 144 5.68 -3.98 7.85
CA ILE A 144 6.55 -3.12 7.06
C ILE A 144 7.77 -3.93 6.64
N GLY A 145 8.34 -3.58 5.50
CA GLY A 145 9.54 -4.24 5.03
C GLY A 145 10.64 -3.20 5.06
N LEU A 146 11.85 -3.62 5.39
CA LEU A 146 13.01 -2.72 5.43
C LEU A 146 14.13 -3.37 4.66
N ALA A 147 14.88 -2.55 3.92
CA ALA A 147 16.02 -3.06 3.16
C ALA A 147 17.14 -2.03 3.12
N GLU A 148 18.37 -2.54 3.01
CA GLU A 148 19.56 -1.72 2.91
C GLU A 148 20.36 -2.23 1.71
N GLU A 149 20.75 -1.31 0.84
CA GLU A 149 21.52 -1.64 -0.37
C GLU A 149 23.01 -1.82 -0.02
N LEU A 150 23.64 -2.82 -0.62
CA LEU A 150 25.06 -3.12 -0.38
C LEU A 150 25.94 -2.70 -1.57
N GLY A 151 27.08 -2.08 -1.27
CA GLY A 151 27.97 -1.65 -2.32
C GLY A 151 27.66 -0.25 -2.85
N ASN B 7 19.49 8.05 11.00
CA ASN B 7 19.46 7.16 9.80
C ASN B 7 18.95 7.99 8.61
N LYS B 8 18.74 7.31 7.48
CA LYS B 8 18.26 7.99 6.29
C LYS B 8 17.31 7.10 5.51
N LEU B 9 16.15 7.65 5.14
CA LEU B 9 15.16 6.91 4.36
C LEU B 9 15.41 7.21 2.89
N LEU B 10 15.97 6.24 2.17
CA LEU B 10 16.27 6.44 0.77
C LEU B 10 15.03 6.50 -0.11
N ARG B 11 14.09 5.56 0.08
CA ARG B 11 12.87 5.56 -0.71
C ARG B 11 11.85 4.50 -0.29
N MSE B 12 10.64 4.62 -0.81
CA MSE B 12 9.57 3.66 -0.55
C MSE B 12 9.59 2.84 -1.84
O MSE B 12 9.04 3.28 -2.87
CB MSE B 12 8.23 4.36 -0.36
CG MSE B 12 7.07 3.45 0.01
SE MSE B 12 5.48 4.49 0.55
CE MSE B 12 4.41 4.25 -1.06
N ASP B 13 10.24 1.68 -1.78
CA ASP B 13 10.40 0.82 -2.95
C ASP B 13 9.12 0.35 -3.59
N ASN B 14 8.22 -0.21 -2.80
CA ASN B 14 6.97 -0.72 -3.37
C ASN B 14 5.97 -1.08 -2.29
N VAL B 15 4.75 -1.36 -2.74
CA VAL B 15 3.69 -1.80 -1.84
C VAL B 15 3.36 -3.17 -2.42
N SER B 16 3.35 -4.21 -1.59
CA SER B 16 3.03 -5.53 -2.14
C SER B 16 1.58 -5.91 -1.89
N ILE B 17 1.04 -6.69 -2.82
CA ILE B 17 -0.33 -7.14 -2.71
C ILE B 17 -0.34 -8.64 -3.01
N VAL B 18 -0.94 -9.42 -2.13
CA VAL B 18 -1.00 -10.86 -2.34
C VAL B 18 -2.30 -11.13 -3.09
N VAL B 19 -2.17 -11.79 -4.24
CA VAL B 19 -3.32 -12.07 -5.07
C VAL B 19 -3.45 -13.55 -5.38
N GLU B 20 -4.59 -13.93 -5.94
CA GLU B 20 -4.82 -15.33 -6.29
C GLU B 20 -4.28 -15.61 -7.71
N SER B 21 -4.52 -14.67 -8.62
CA SER B 21 -4.05 -14.78 -10.01
C SER B 21 -3.09 -13.65 -10.40
N LEU B 22 -1.80 -13.96 -10.55
CA LEU B 22 -0.84 -12.93 -10.97
C LEU B 22 -1.26 -12.39 -12.34
N ASP B 23 -1.61 -13.31 -13.24
CA ASP B 23 -2.02 -12.93 -14.58
C ASP B 23 -3.15 -11.89 -14.55
N ASN B 24 -4.22 -12.16 -13.80
CA ASN B 24 -5.33 -11.22 -13.74
C ASN B 24 -4.91 -9.90 -13.09
N ALA B 25 -4.06 -9.98 -12.08
CA ALA B 25 -3.62 -8.78 -11.37
C ALA B 25 -2.76 -7.91 -12.31
N ILE B 26 -1.84 -8.56 -13.03
CA ILE B 26 -0.99 -7.83 -13.96
C ILE B 26 -1.85 -7.07 -14.95
N SER B 27 -2.84 -7.75 -15.55
CA SER B 27 -3.72 -7.10 -16.53
C SER B 27 -4.48 -5.90 -15.99
N PHE B 28 -4.98 -6.03 -14.77
CA PHE B 28 -5.73 -4.95 -14.17
C PHE B 28 -4.85 -3.74 -13.96
N PHE B 29 -3.69 -3.93 -13.36
CA PHE B 29 -2.82 -2.79 -13.16
C PHE B 29 -2.29 -2.21 -14.45
N GLU B 30 -2.23 -3.00 -15.53
CA GLU B 30 -1.78 -2.45 -16.79
C GLU B 30 -2.90 -1.54 -17.31
N GLU B 31 -4.16 -1.85 -16.97
CA GLU B 31 -5.26 -0.99 -17.43
C GLU B 31 -5.14 0.36 -16.75
N ILE B 32 -4.62 0.36 -15.53
CA ILE B 32 -4.47 1.60 -14.77
C ILE B 32 -3.32 2.44 -15.34
N GLY B 33 -2.37 1.79 -15.97
CA GLY B 33 -1.26 2.53 -16.55
C GLY B 33 0.11 2.07 -16.13
N LEU B 34 0.20 1.10 -15.20
CA LEU B 34 1.53 0.62 -14.81
C LEU B 34 2.02 -0.36 -15.86
N ASN B 35 3.33 -0.57 -15.88
CA ASN B 35 3.93 -1.47 -16.85
C ASN B 35 4.55 -2.62 -16.10
N LEU B 36 4.45 -3.81 -16.68
CA LEU B 36 5.05 -4.98 -16.08
C LEU B 36 6.54 -4.80 -16.18
N GLU B 37 7.23 -4.87 -15.06
CA GLU B 37 8.66 -4.67 -15.05
C GLU B 37 9.42 -5.97 -14.90
N GLY B 38 8.72 -7.01 -14.46
CA GLY B 38 9.42 -8.28 -14.27
C GLY B 38 8.65 -9.29 -13.45
N ARG B 39 9.05 -10.55 -13.60
CA ARG B 39 8.43 -11.67 -12.93
C ARG B 39 9.54 -12.51 -12.34
N ALA B 40 9.23 -13.19 -11.25
CA ALA B 40 10.23 -14.03 -10.59
C ALA B 40 9.60 -15.11 -9.71
N ASN B 41 10.06 -16.35 -9.87
CA ASN B 41 9.60 -17.47 -9.05
C ASN B 41 10.58 -17.48 -7.90
N VAL B 42 10.16 -16.97 -6.75
CA VAL B 42 11.02 -16.91 -5.56
C VAL B 42 10.88 -18.20 -4.76
N GLU B 43 11.86 -19.09 -4.90
CA GLU B 43 11.82 -20.35 -4.22
C GLU B 43 12.98 -20.54 -3.25
N GLY B 44 13.76 -19.48 -3.04
CA GLY B 44 14.88 -19.55 -2.13
C GLY B 44 14.44 -19.82 -0.69
N GLU B 45 15.39 -20.13 0.18
CA GLU B 45 15.09 -20.41 1.59
C GLU B 45 15.36 -19.18 2.46
N TRP B 46 16.04 -18.19 1.86
CA TRP B 46 16.32 -16.96 2.58
C TRP B 46 14.99 -16.23 2.77
N ALA B 47 14.13 -16.31 1.75
CA ALA B 47 12.82 -15.67 1.80
C ALA B 47 12.08 -16.10 3.05
N GLY B 48 12.01 -17.43 3.24
CA GLY B 48 11.35 -17.96 4.41
C GLY B 48 11.92 -17.41 5.70
N ARG B 49 13.20 -17.08 5.69
CA ARG B 49 13.83 -16.53 6.89
C ARG B 49 13.38 -15.10 7.15
N VAL B 50 13.10 -14.37 6.08
CA VAL B 50 12.64 -12.98 6.23
C VAL B 50 11.20 -12.93 6.73
N THR B 51 10.33 -13.70 6.08
CA THR B 51 8.90 -13.72 6.42
C THR B 51 8.54 -14.52 7.66
N GLY B 52 9.41 -15.44 8.06
CA GLY B 52 9.11 -16.26 9.21
C GLY B 52 8.24 -17.46 8.85
N LEU B 53 8.09 -17.72 7.56
CA LEU B 53 7.26 -18.83 7.11
C LEU B 53 8.05 -20.12 6.92
N GLY B 54 9.35 -20.00 6.64
CA GLY B 54 10.19 -21.17 6.46
C GLY B 54 10.16 -21.73 5.06
N SER B 55 9.49 -22.87 4.89
CA SER B 55 9.38 -23.47 3.56
C SER B 55 8.44 -22.55 2.79
N GLN B 56 9.01 -21.75 1.89
CA GLN B 56 8.19 -20.82 1.13
C GLN B 56 8.56 -20.66 -0.33
N CYS B 57 7.53 -20.62 -1.17
CA CYS B 57 7.68 -20.41 -2.59
C CYS B 57 6.62 -19.42 -3.03
N VAL B 58 7.06 -18.27 -3.52
CA VAL B 58 6.14 -17.24 -3.97
C VAL B 58 6.52 -16.74 -5.36
N GLU B 59 5.52 -16.48 -6.20
CA GLU B 59 5.79 -15.94 -7.53
C GLU B 59 5.35 -14.49 -7.51
N ILE B 60 6.23 -13.59 -7.95
CA ILE B 60 5.89 -12.19 -7.96
C ILE B 60 6.01 -11.55 -9.31
N ALA B 61 5.28 -10.44 -9.48
CA ALA B 61 5.30 -9.66 -10.71
C ALA B 61 5.36 -8.21 -10.25
N MSE B 62 6.44 -7.52 -10.60
CA MSE B 62 6.64 -6.13 -10.20
C MSE B 62 6.09 -5.16 -11.23
O MSE B 62 6.44 -5.23 -12.42
CB MSE B 62 8.14 -5.84 -10.00
CG MSE B 62 8.47 -4.50 -9.36
SE MSE B 62 8.00 -4.47 -7.45
CE MSE B 62 9.59 -5.38 -6.74
N MSE B 63 5.20 -4.27 -10.79
CA MSE B 63 4.61 -3.27 -11.67
C MSE B 63 5.24 -1.92 -11.31
O MSE B 63 5.61 -1.67 -10.16
CB MSE B 63 3.09 -3.19 -11.47
CG MSE B 63 2.33 -4.51 -11.53
SE MSE B 63 2.49 -5.41 -13.25
CE MSE B 63 1.56 -4.14 -14.38
N VAL B 64 5.38 -1.05 -12.30
CA VAL B 64 5.98 0.26 -12.06
C VAL B 64 5.20 1.32 -12.83
N THR B 65 5.08 2.49 -12.22
CA THR B 65 4.36 3.57 -12.84
C THR B 65 5.25 4.18 -13.92
N PRO B 66 4.64 4.86 -14.88
CA PRO B 66 5.38 5.51 -15.97
C PRO B 66 6.48 6.46 -15.49
N ASP B 67 6.27 7.13 -14.35
CA ASP B 67 7.27 8.05 -13.82
C ASP B 67 8.47 7.37 -13.16
N GLY B 68 8.42 6.05 -13.07
CA GLY B 68 9.52 5.30 -12.47
C GLY B 68 9.68 5.39 -10.95
N HIS B 69 8.83 6.17 -10.27
CA HIS B 69 8.94 6.31 -8.82
C HIS B 69 8.20 5.32 -7.96
N SER B 70 7.11 4.76 -8.46
CA SER B 70 6.31 3.86 -7.65
C SER B 70 6.14 2.47 -8.16
N ARG B 71 6.09 1.51 -7.25
CA ARG B 71 5.95 0.13 -7.67
C ARG B 71 4.97 -0.66 -6.86
N ILE B 72 4.36 -1.64 -7.50
CA ILE B 72 3.44 -2.52 -6.83
C ILE B 72 3.96 -3.92 -7.07
N GLU B 73 4.19 -4.65 -5.99
CA GLU B 73 4.67 -6.00 -6.12
C GLU B 73 3.49 -6.93 -5.94
N LEU B 74 3.09 -7.59 -7.02
CA LEU B 74 1.99 -8.53 -6.95
C LEU B 74 2.62 -9.86 -6.55
N SER B 75 2.01 -10.54 -5.57
CA SER B 75 2.56 -11.82 -5.08
C SER B 75 1.53 -12.92 -4.97
N ARG B 76 1.91 -14.12 -5.39
CA ARG B 76 1.00 -15.27 -5.30
C ARG B 76 1.72 -16.35 -4.51
N PHE B 77 1.13 -16.77 -3.39
CA PHE B 77 1.76 -17.80 -2.58
C PHE B 77 1.52 -19.21 -3.13
N LEU B 78 2.59 -19.99 -3.29
CA LEU B 78 2.43 -21.37 -3.72
C LEU B 78 2.58 -22.18 -2.43
N THR B 79 3.60 -21.84 -1.65
CA THR B 79 3.84 -22.51 -0.37
C THR B 79 4.34 -21.49 0.64
N PRO B 80 3.72 -21.43 1.83
CA PRO B 80 2.56 -22.23 2.26
C PRO B 80 1.35 -21.58 1.63
N PRO B 81 0.25 -22.33 1.45
CA PRO B 81 -0.91 -21.65 0.85
C PRO B 81 -1.44 -20.54 1.79
N THR B 82 -2.23 -19.60 1.27
CA THR B 82 -2.75 -18.53 2.12
C THR B 82 -3.80 -19.03 3.11
N ILE B 83 -3.84 -18.40 4.28
CA ILE B 83 -4.76 -18.81 5.33
C ILE B 83 -5.78 -17.75 5.74
N ALA B 84 -5.79 -16.63 5.03
CA ALA B 84 -6.79 -15.58 5.30
C ALA B 84 -6.91 -14.67 4.09
N ASP B 85 -7.90 -13.80 4.13
CA ASP B 85 -8.15 -12.91 3.01
C ASP B 85 -8.78 -11.60 3.49
N HIS B 86 -8.20 -10.48 3.10
CA HIS B 86 -8.75 -9.19 3.47
C HIS B 86 -8.87 -8.29 2.24
N ARG B 87 -8.91 -8.92 1.05
CA ARG B 87 -9.04 -8.19 -0.20
C ARG B 87 -10.33 -7.37 -0.26
N THR B 88 -11.40 -7.88 0.36
CA THR B 88 -12.66 -7.17 0.32
C THR B 88 -13.08 -6.70 1.70
N ALA B 89 -12.10 -6.37 2.54
CA ALA B 89 -12.43 -5.85 3.86
C ALA B 89 -13.21 -4.53 3.64
N PRO B 90 -14.06 -4.13 4.60
CA PRO B 90 -14.80 -2.87 4.43
C PRO B 90 -13.86 -1.67 4.49
N VAL B 91 -14.32 -0.52 4.03
CA VAL B 91 -13.47 0.66 4.09
C VAL B 91 -13.14 1.00 5.53
N ASN B 92 -14.12 0.87 6.43
CA ASN B 92 -13.90 1.15 7.83
C ASN B 92 -13.35 -0.08 8.55
N ALA B 93 -12.13 -0.45 8.16
CA ALA B 93 -11.43 -1.59 8.76
C ALA B 93 -10.00 -1.13 9.05
N LEU B 94 -9.41 -1.65 10.13
CA LEU B 94 -8.03 -1.27 10.46
C LEU B 94 -7.06 -2.03 9.56
N GLY B 95 -5.97 -1.34 9.19
CA GLY B 95 -4.95 -1.92 8.32
C GLY B 95 -4.81 -1.25 6.97
N TYR B 96 -3.95 -1.80 6.10
CA TYR B 96 -3.75 -1.21 4.78
C TYR B 96 -5.12 -1.06 4.10
N LEU B 97 -5.38 0.10 3.50
CA LEU B 97 -6.68 0.34 2.89
C LEU B 97 -6.63 0.32 1.37
N ARG B 98 -5.85 1.20 0.77
CA ARG B 98 -5.80 1.24 -0.68
C ARG B 98 -4.65 2.08 -1.17
N VAL B 99 -4.27 1.83 -2.43
CA VAL B 99 -3.27 2.64 -3.06
C VAL B 99 -4.09 3.62 -3.92
N MSE B 100 -3.60 4.85 -4.00
CA MSE B 100 -4.27 5.90 -4.78
C MSE B 100 -3.45 6.32 -6.00
O MSE B 100 -2.26 6.61 -5.89
CB MSE B 100 -4.52 7.10 -3.86
CG MSE B 100 -4.87 8.37 -4.61
SE MSE B 100 -6.71 8.42 -5.11
CE MSE B 100 -7.32 9.05 -3.40
N PHE B 101 -4.10 6.37 -7.16
CA PHE B 101 -3.44 6.78 -8.41
C PHE B 101 -4.05 8.06 -8.98
N THR B 102 -3.22 8.94 -9.52
CA THR B 102 -3.73 10.15 -10.14
C THR B 102 -3.68 9.92 -11.65
N VAL B 103 -4.81 10.10 -12.32
CA VAL B 103 -4.86 9.90 -13.75
C VAL B 103 -5.32 11.17 -14.44
N GLU B 104 -5.03 11.26 -15.73
CA GLU B 104 -5.39 12.45 -16.50
C GLU B 104 -6.89 12.63 -16.64
N ASP B 105 -7.61 11.53 -16.81
CA ASP B 105 -9.07 11.58 -17.01
C ASP B 105 -9.76 10.53 -16.17
N ILE B 106 -10.34 10.93 -15.04
CA ILE B 106 -10.99 9.96 -14.16
C ILE B 106 -12.23 9.34 -14.76
N ASP B 107 -12.93 10.08 -15.62
CA ASP B 107 -14.14 9.51 -16.22
C ASP B 107 -13.82 8.34 -17.14
N GLU B 108 -12.82 8.51 -18.00
CA GLU B 108 -12.43 7.47 -18.94
C GLU B 108 -11.86 6.27 -18.17
N MSE B 109 -11.09 6.53 -17.12
CA MSE B 109 -10.54 5.41 -16.35
C MSE B 109 -11.66 4.63 -15.62
O MSE B 109 -11.64 3.40 -15.60
CB MSE B 109 -9.51 5.92 -15.32
CG MSE B 109 -8.85 4.78 -14.53
SE MSE B 109 -7.88 3.50 -15.66
CE MSE B 109 -6.26 4.55 -16.00
N VAL B 110 -12.65 5.33 -15.04
CA VAL B 110 -13.73 4.63 -14.34
C VAL B 110 -14.56 3.82 -15.32
N SER B 111 -14.84 4.42 -16.47
CA SER B 111 -15.62 3.73 -17.48
C SER B 111 -14.90 2.47 -17.99
N ARG B 112 -13.61 2.58 -18.29
CA ARG B 112 -12.84 1.44 -18.80
C ARG B 112 -12.71 0.32 -17.76
N LEU B 113 -12.36 0.69 -16.53
CA LEU B 113 -12.22 -0.32 -15.49
C LEU B 113 -13.55 -0.99 -15.19
N THR B 114 -14.62 -0.20 -15.10
CA THR B 114 -15.91 -0.80 -14.81
C THR B 114 -16.36 -1.73 -15.93
N LYS B 115 -16.01 -1.41 -17.17
CA LYS B 115 -16.37 -2.25 -18.32
C LYS B 115 -15.70 -3.60 -18.16
N HIS B 116 -14.54 -3.62 -17.54
CA HIS B 116 -13.81 -4.85 -17.33
C HIS B 116 -14.12 -5.53 -15.99
N GLY B 117 -15.21 -5.11 -15.33
CA GLY B 117 -15.57 -5.75 -14.07
C GLY B 117 -15.40 -4.99 -12.76
N ALA B 118 -14.65 -3.89 -12.77
CA ALA B 118 -14.46 -3.11 -11.55
C ALA B 118 -15.80 -2.50 -11.12
N GLU B 119 -15.91 -2.17 -9.84
CA GLU B 119 -17.13 -1.55 -9.31
C GLU B 119 -16.82 -0.40 -8.35
N LEU B 120 -17.50 0.72 -8.57
CA LEU B 120 -17.34 1.88 -7.69
C LEU B 120 -17.82 1.53 -6.29
N VAL B 121 -17.15 2.06 -5.28
CA VAL B 121 -17.55 1.81 -3.89
C VAL B 121 -18.49 2.91 -3.44
N GLY B 122 -18.14 4.15 -3.77
CA GLY B 122 -18.96 5.31 -3.44
C GLY B 122 -19.33 5.87 -4.79
N GLU B 123 -19.09 7.15 -5.00
CA GLU B 123 -19.36 7.75 -6.29
C GLU B 123 -18.13 8.60 -6.61
N VAL B 124 -18.07 9.17 -7.80
CA VAL B 124 -16.93 10.02 -8.16
C VAL B 124 -17.23 11.38 -7.52
N VAL B 125 -16.33 11.84 -6.66
CA VAL B 125 -16.52 13.06 -5.89
C VAL B 125 -15.54 14.19 -6.19
N GLN B 126 -16.04 15.42 -6.18
CA GLN B 126 -15.16 16.57 -6.42
C GLN B 126 -14.89 17.27 -5.11
N TYR B 127 -13.62 17.55 -4.84
CA TYR B 127 -13.21 18.26 -3.63
C TYR B 127 -12.96 19.69 -4.09
N GLU B 128 -13.84 20.60 -3.69
CA GLU B 128 -13.74 22.00 -4.09
C GLU B 128 -13.50 22.13 -5.59
N ASN B 129 -12.42 22.82 -5.98
CA ASN B 129 -12.06 23.01 -7.37
C ASN B 129 -10.64 22.48 -7.55
N SER B 130 -10.23 21.59 -6.66
CA SER B 130 -8.88 21.05 -6.69
C SER B 130 -8.78 19.67 -7.33
N TYR B 131 -9.65 18.76 -6.96
CA TYR B 131 -9.58 17.44 -7.57
C TYR B 131 -10.85 16.63 -7.48
N ARG B 132 -10.85 15.51 -8.20
CA ARG B 132 -11.96 14.59 -8.21
C ARG B 132 -11.36 13.24 -7.83
N LEU B 133 -12.11 12.43 -7.10
CA LEU B 133 -11.62 11.12 -6.70
C LEU B 133 -12.72 10.12 -6.46
N CYS B 134 -12.31 8.85 -6.35
CA CYS B 134 -13.23 7.79 -6.08
C CYS B 134 -12.50 6.57 -5.59
N TYR B 135 -13.27 5.65 -5.02
CA TYR B 135 -12.76 4.37 -4.57
C TYR B 135 -13.44 3.35 -5.48
N ILE B 136 -12.67 2.40 -5.99
CA ILE B 136 -13.21 1.39 -6.87
C ILE B 136 -12.65 0.02 -6.48
N ARG B 137 -13.44 -1.03 -6.63
CA ARG B 137 -12.93 -2.35 -6.36
C ARG B 137 -12.56 -2.94 -7.70
N GLY B 138 -11.30 -3.35 -7.82
CA GLY B 138 -10.82 -3.90 -9.07
C GLY B 138 -10.58 -5.39 -9.03
N VAL B 139 -9.45 -5.80 -9.60
CA VAL B 139 -9.10 -7.21 -9.64
C VAL B 139 -9.28 -7.86 -8.26
N GLU B 140 -10.00 -8.98 -8.24
CA GLU B 140 -10.29 -9.74 -7.03
C GLU B 140 -10.88 -8.90 -5.88
N GLY B 141 -11.62 -7.85 -6.25
CA GLY B 141 -12.27 -6.97 -5.29
C GLY B 141 -11.35 -6.03 -4.54
N ILE B 142 -10.06 -6.02 -4.90
CA ILE B 142 -9.10 -5.16 -4.20
C ILE B 142 -9.43 -3.68 -4.36
N LEU B 143 -9.39 -2.95 -3.25
CA LEU B 143 -9.73 -1.53 -3.21
C LEU B 143 -8.62 -0.66 -3.78
N ILE B 144 -9.00 0.26 -4.68
CA ILE B 144 -8.03 1.16 -5.29
C ILE B 144 -8.67 2.55 -5.37
N GLY B 145 -7.84 3.58 -5.23
CA GLY B 145 -8.36 4.94 -5.32
C GLY B 145 -7.89 5.55 -6.63
N LEU B 146 -8.68 6.47 -7.17
CA LEU B 146 -8.32 7.15 -8.42
C LEU B 146 -8.64 8.59 -8.13
N ALA B 147 -7.81 9.49 -8.65
CA ALA B 147 -7.99 10.92 -8.49
C ALA B 147 -7.58 11.62 -9.77
N GLU B 148 -8.15 12.81 -9.98
CA GLU B 148 -7.77 13.61 -11.13
C GLU B 148 -7.51 15.02 -10.57
N GLU B 149 -6.42 15.65 -10.97
CA GLU B 149 -6.09 17.00 -10.52
C GLU B 149 -6.84 17.94 -11.44
N LEU B 150 -7.59 18.88 -10.88
CA LEU B 150 -8.33 19.83 -11.70
C LEU B 150 -7.47 21.07 -11.96
N GLY B 151 -7.43 21.51 -13.22
CA GLY B 151 -6.64 22.67 -13.54
C GLY B 151 -5.15 22.37 -13.50
C ACT C . -11.52 10.34 2.12
O ACT C . -11.82 9.49 2.98
OXT ACT C . -10.68 11.26 2.33
CH3 ACT C . -12.35 10.43 0.85
NA NA D . -8.85 -9.94 11.14
C1 CIT E . 13.03 -5.80 -8.95
O1 CIT E . 12.47 -6.60 -9.77
O2 CIT E . 13.46 -4.76 -9.32
C2 CIT E . 13.12 -6.26 -7.51
C3 CIT E . 13.83 -5.29 -6.53
O7 CIT E . 13.18 -4.01 -6.52
C4 CIT E . 13.85 -5.88 -5.05
C5 CIT E . 12.91 -5.11 -4.04
O3 CIT E . 12.43 -3.96 -4.10
O4 CIT E . 12.69 -5.91 -3.02
C6 CIT E . 15.35 -4.83 -6.74
O5 CIT E . 15.87 -3.70 -6.69
O6 CIT E . 15.94 -5.93 -7.00
C FMT F . 3.99 -12.63 12.21
O1 FMT F . 4.18 -11.58 12.91
O2 FMT F . 4.10 -12.40 10.96
MG MG G . -12.88 16.31 -17.03
N1 GSH H . 9.98 -14.86 -15.63
CA1 GSH H . 10.03 -16.10 -14.83
C1 GSH H . 8.71 -16.29 -14.02
O11 GSH H . 8.69 -16.57 -12.79
O12 GSH H . 7.65 -16.15 -14.67
CB1 GSH H . 11.33 -16.01 -13.95
CG1 GSH H . 11.71 -17.19 -12.99
CD1 GSH H . 12.96 -17.02 -12.11
OE1 GSH H . 13.20 -17.83 -11.18
N2 GSH H . 13.75 -15.94 -12.39
CA2 GSH H . 14.98 -15.64 -11.57
C2 GSH H . 14.59 -15.16 -10.10
O2 GSH H . 13.46 -14.68 -9.94
CB2 GSH H . 15.77 -14.52 -12.28
SG2 GSH H . 14.92 -12.86 -12.30
N3 GSH H . 15.55 -15.32 -9.13
CA3 GSH H . 15.24 -14.89 -7.73
C3 GSH H . 15.15 -13.35 -7.55
O31 GSH H . 15.88 -12.58 -8.22
O32 GSH H . 14.32 -12.95 -6.70
C FMT I . -6.82 -11.42 7.24
O1 FMT I . -6.78 -10.26 7.72
O2 FMT I . -6.06 -11.56 6.25
C FMT J . -17.21 -1.60 -0.03
O1 FMT J . -17.01 -2.27 1.05
O2 FMT J . -17.29 -2.34 -1.08
C FMT K . 16.88 -8.35 -10.10
O1 FMT K . 16.77 -9.57 -10.44
O2 FMT K . 16.33 -8.11 -8.98
#